data_8J66
#
_entry.id   8J66
#
_cell.length_a   72.068
_cell.length_b   78.127
_cell.length_c   94.653
_cell.angle_alpha   90.000
_cell.angle_beta   90.000
_cell.angle_gamma   90.000
#
_symmetry.space_group_name_H-M   'P 21 21 21'
#
loop_
_entity.id
_entity.type
_entity.pdbx_description
1 polymer Glycosyltransferase
2 non-polymer "URIDINE-5'-DIPHOSPHATE"
3 non-polymer (2S,3S,4S,5R,6R)-2-(hydroxymethyl)-6-[[(2R,3S,4S,5R,6S)-6-[(3R,6S)-6-[(3S,8S,9R,10R,11S,13R,14S,17S)-3-[(2R,3R,4S,5S,6S)-6-(hydroxymethyl)-3,4,5-tris(oxidanyl)oxan-2-yl]oxy-4,4,9,13,14-pentamethyl-11-oxidanyl-2,3,7,8,10,11,12,15,16,17-decahydro-1H-cyclopenta[a]phenanthren-17-yl]-2-methyl-2-oxidanyl-heptan-3-yl]oxy-3,4,5-tris(oxidanyl)oxan-2-yl]methoxy]oxane-3,4,5-triol
4 water water
#
_entity_poly.entity_id   1
_entity_poly.type   'polypeptide(L)'
_entity_poly.pdbx_seq_one_letter_code
;MDAAQQGDTTTILMLPWLGYGHLSAFLELAKSLSRRNFHIYFCSTSVNLDAIKPKLPSSFSDSIQFVELHLPSSPEFPPH
LHTTNGLPPTLMPALHQAFSMAAQHFESILQTLAPHLLIYDSLQPWAPRVASSLKIPAINFNTTGVFVISQGLHPIHYPH
SKFPFSEFVLHNHWKAMYSTADGASTERTRKRGEAFLYCLHASCSVILINSFRELEGKYMDYLSVLLNKKVVPVGPLVYE
PNQDGEDEGYSSIKNWLDKKEPSSTVFVSFGSEYFPSKEEMEEIAHGLEASEVNFIWVVRFPQGDNTSGIEDALPKGFLE
RAGERGMVVKGWAPQAKILKHWSTGGFVSHCGWNSVMESMMFGVPIIGVPMHVDQPFNAGLVEEAGVGVEAKRDPDGKIQ
RDEVAKLIKEVVVEKTREDVRKKAREMSEILRSKGEEKFDEMVAEISLLLKIEHHHHHH
;
_entity_poly.pdbx_strand_id   A
#
loop_
_chem_comp.id
_chem_comp.type
_chem_comp.name
_chem_comp.formula
M2Q non-polymer (2S,3S,4S,5R,6R)-2-(hydroxymethyl)-6-[[(2R,3S,4S,5R,6S)-6-[(3R,6S)-6-[(3S,8S,9R,10R,11S,13R,14S,17S)-3-[(2R,3R,4S,5S,6S)-6-(hydroxymethyl)-3,4,5-tris(oxidanyl)oxan-2-yl]oxy-4,4,9,13,14-pentamethyl-11-oxidanyl-2,3,7,8,10,11,12,15,16,17-decahydro-1H-cyclopenta[a]phenanthren-17-yl]-2-methyl-2-oxidanyl-heptan-3-yl]oxy-3,4,5-tris(oxidanyl)oxan-2-yl]methoxy]oxane-3,4,5-triol 'C48 H82 O19'
UDP RNA linking URIDINE-5'-DIPHOSPHATE 'C9 H14 N2 O12 P2'
#
# COMPACT_ATOMS: atom_id res chain seq x y z
N THR A 9 -32.00 1.65 -2.01
CA THR A 9 -30.61 1.70 -1.59
C THR A 9 -29.67 1.29 -2.71
N THR A 10 -28.68 2.14 -2.98
CA THR A 10 -27.67 1.85 -3.99
C THR A 10 -26.70 0.80 -3.49
N THR A 11 -26.49 -0.25 -4.28
CA THR A 11 -25.57 -1.33 -3.93
C THR A 11 -24.28 -1.22 -4.72
N ILE A 12 -23.16 -1.43 -4.03
CA ILE A 12 -21.83 -1.40 -4.65
C ILE A 12 -21.11 -2.71 -4.33
N LEU A 13 -20.58 -3.32 -5.36
CA LEU A 13 -19.67 -4.44 -5.19
C LEU A 13 -18.27 -3.87 -5.47
N MET A 14 -17.34 -4.23 -4.62
CA MET A 14 -15.96 -3.80 -4.63
C MET A 14 -15.08 -5.03 -4.80
N LEU A 15 -14.18 -5.00 -5.77
CA LEU A 15 -13.29 -6.11 -6.09
C LEU A 15 -11.85 -5.65 -5.94
N PRO A 16 -11.27 -5.78 -4.75
CA PRO A 16 -9.87 -5.40 -4.58
C PRO A 16 -8.94 -6.43 -5.24
N TRP A 17 -7.69 -6.03 -5.39
CA TRP A 17 -6.66 -7.00 -5.72
C TRP A 17 -6.32 -7.81 -4.47
N LEU A 18 -5.70 -8.97 -4.67
CA LEU A 18 -5.57 -9.95 -3.60
C LEU A 18 -4.42 -9.64 -2.65
N GLY A 19 -4.05 -8.37 -2.52
CA GLY A 19 -2.99 -7.94 -1.63
C GLY A 19 -3.56 -7.30 -0.38
N TYR A 20 -2.95 -7.63 0.77
CA TYR A 20 -3.46 -7.14 2.05
C TYR A 20 -3.55 -5.61 2.06
N GLY A 21 -2.54 -4.93 1.52
CA GLY A 21 -2.59 -3.47 1.47
C GLY A 21 -3.74 -2.96 0.63
N HIS A 22 -3.98 -3.58 -0.52
CA HIS A 22 -5.11 -3.21 -1.36
C HIS A 22 -6.43 -3.50 -0.66
N LEU A 23 -6.54 -4.69 -0.05
CA LEU A 23 -7.74 -5.05 0.70
C LEU A 23 -8.03 -4.04 1.80
N SER A 24 -7.01 -3.61 2.49
CA SER A 24 -7.14 -2.62 3.60
C SER A 24 -7.71 -1.27 3.13
N ALA A 25 -7.26 -0.78 1.99
CA ALA A 25 -7.73 0.50 1.43
C ALA A 25 -9.18 0.36 0.98
N PHE A 26 -9.49 -0.72 0.27
CA PHE A 26 -10.87 -1.03 -0.19
C PHE A 26 -11.87 -1.11 0.99
N LEU A 27 -11.48 -1.70 2.12
CA LEU A 27 -12.36 -1.79 3.31
C LEU A 27 -12.61 -0.42 3.93
N GLU A 28 -11.57 0.37 4.07
CA GLU A 28 -11.69 1.76 4.56
C GLU A 28 -12.61 2.55 3.61
N LEU A 29 -12.49 2.32 2.29
CA LEU A 29 -13.43 2.99 1.39
C LEU A 29 -14.83 2.44 1.56
N ALA A 30 -14.96 1.13 1.78
CA ALA A 30 -16.28 0.53 1.98
C ALA A 30 -16.97 1.09 3.21
N LYS A 31 -16.21 1.28 4.30
CA LYS A 31 -16.78 1.89 5.50
C LYS A 31 -17.31 3.28 5.20
N SER A 32 -16.55 4.07 4.44
N SER A 32 -16.56 4.08 4.43
CA SER A 32 -16.97 5.44 4.13
CA SER A 32 -16.98 5.44 4.15
C SER A 32 -18.25 5.44 3.30
C SER A 32 -18.23 5.46 3.29
N LEU A 33 -18.32 4.57 2.30
CA LEU A 33 -19.55 4.48 1.51
C LEU A 33 -20.71 3.94 2.33
N SER A 34 -20.42 3.06 3.29
CA SER A 34 -21.37 2.54 4.28
C SER A 34 -22.13 3.66 4.98
N ARG A 35 -21.32 4.63 5.42
CA ARG A 35 -21.84 5.75 6.18
C ARG A 35 -22.56 6.78 5.31
N ARG A 36 -22.54 6.61 3.99
CA ARG A 36 -23.25 7.47 3.06
C ARG A 36 -24.43 6.76 2.41
N ASN A 37 -24.96 5.73 3.07
CA ASN A 37 -26.18 4.98 2.69
C ASN A 37 -25.99 4.19 1.40
N PHE A 38 -24.82 3.59 1.25
CA PHE A 38 -24.59 2.56 0.25
C PHE A 38 -24.49 1.20 0.93
N HIS A 39 -24.96 0.17 0.24
CA HIS A 39 -24.76 -1.21 0.67
C HIS A 39 -23.60 -1.80 -0.11
N ILE A 40 -22.65 -2.41 0.60
CA ILE A 40 -21.40 -2.86 0.01
C ILE A 40 -21.36 -4.38 0.00
N TYR A 41 -21.13 -4.96 -1.18
CA TYR A 41 -20.68 -6.33 -1.30
C TYR A 41 -19.16 -6.31 -1.46
N PHE A 42 -18.45 -6.92 -0.50
CA PHE A 42 -17.00 -6.92 -0.47
C PHE A 42 -16.51 -8.31 -0.88
N CYS A 43 -15.91 -8.41 -2.06
CA CYS A 43 -15.65 -9.68 -2.73
C CYS A 43 -14.16 -9.94 -2.84
N SER A 44 -13.71 -11.04 -2.25
CA SER A 44 -12.33 -11.50 -2.43
C SER A 44 -12.27 -12.97 -2.04
N THR A 45 -11.06 -13.53 -2.13
CA THR A 45 -10.85 -14.92 -1.78
C THR A 45 -11.07 -15.13 -0.28
N SER A 46 -11.41 -16.36 0.09
CA SER A 46 -11.76 -16.64 1.48
C SER A 46 -10.60 -16.36 2.42
N VAL A 47 -9.37 -16.67 1.99
CA VAL A 47 -8.21 -16.41 2.85
C VAL A 47 -8.04 -14.91 3.07
N ASN A 48 -8.39 -14.10 2.07
CA ASN A 48 -8.29 -12.66 2.22
C ASN A 48 -9.42 -12.10 3.08
N LEU A 49 -10.64 -12.64 2.91
CA LEU A 49 -11.76 -12.23 3.76
C LEU A 49 -11.50 -12.60 5.21
N ASP A 50 -10.84 -13.74 5.45
CA ASP A 50 -10.48 -14.11 6.81
C ASP A 50 -9.51 -13.11 7.43
N ALA A 51 -8.53 -12.64 6.65
CA ALA A 51 -7.54 -11.71 7.15
C ALA A 51 -8.11 -10.32 7.38
N ILE A 52 -9.21 -9.96 6.73
CA ILE A 52 -9.71 -8.55 6.77
C ILE A 52 -10.93 -8.38 7.68
N LYS A 53 -11.73 -9.42 7.89
CA LYS A 53 -12.96 -9.32 8.73
C LYS A 53 -12.61 -8.78 10.12
N PRO A 54 -11.53 -9.21 10.80
CA PRO A 54 -11.17 -8.62 12.09
C PRO A 54 -11.09 -7.09 12.08
N LYS A 55 -10.83 -6.51 10.92
CA LYS A 55 -10.73 -5.05 10.83
C LYS A 55 -12.07 -4.35 10.66
N LEU A 56 -13.18 -5.10 10.56
CA LEU A 56 -14.49 -4.53 10.31
C LEU A 56 -15.36 -4.60 11.56
N PRO A 57 -15.67 -3.45 12.19
CA PRO A 57 -16.56 -3.45 13.35
C PRO A 57 -17.96 -4.01 13.04
N SER A 58 -18.61 -4.63 14.03
CA SER A 58 -19.96 -5.21 13.91
C SER A 58 -21.01 -4.20 13.47
N SER A 59 -20.77 -2.90 13.69
CA SER A 59 -21.68 -1.81 13.25
C SER A 59 -21.94 -1.82 11.74
N PHE A 60 -21.07 -2.47 10.96
CA PHE A 60 -21.19 -2.44 9.49
C PHE A 60 -21.81 -3.74 8.95
N SER A 61 -22.16 -4.68 9.83
CA SER A 61 -22.68 -6.01 9.40
C SER A 61 -23.88 -5.88 8.46
N ASP A 62 -24.74 -4.90 8.71
CA ASP A 62 -25.94 -4.70 7.87
C ASP A 62 -25.61 -3.86 6.64
N SER A 63 -24.41 -3.31 6.56
CA SER A 63 -24.04 -2.38 5.46
C SER A 63 -22.97 -3.00 4.57
N ILE A 64 -22.08 -3.81 5.16
CA ILE A 64 -20.97 -4.43 4.40
C ILE A 64 -21.11 -5.94 4.46
N GLN A 65 -21.27 -6.56 3.31
CA GLN A 65 -21.40 -8.03 3.23
C GLN A 65 -20.20 -8.59 2.49
N PHE A 66 -19.60 -9.63 3.03
CA PHE A 66 -18.47 -10.26 2.38
C PHE A 66 -18.95 -11.35 1.44
N VAL A 67 -18.37 -11.38 0.24
CA VAL A 67 -18.72 -12.32 -0.80
C VAL A 67 -17.45 -13.05 -1.22
N GLU A 68 -17.54 -14.37 -1.34
CA GLU A 68 -16.36 -15.18 -1.65
C GLU A 68 -16.16 -15.29 -3.16
N LEU A 69 -14.92 -15.06 -3.59
CA LEU A 69 -14.51 -15.28 -4.97
C LEU A 69 -13.66 -16.54 -5.03
N HIS A 70 -13.98 -17.43 -5.96
CA HIS A 70 -13.27 -18.69 -6.11
C HIS A 70 -12.22 -18.59 -7.21
N LEU A 71 -11.01 -18.94 -6.88
CA LEU A 71 -9.90 -19.11 -7.82
C LEU A 71 -9.70 -20.59 -8.12
N PRO A 72 -9.18 -20.93 -9.30
CA PRO A 72 -8.83 -22.32 -9.57
C PRO A 72 -7.89 -22.85 -8.50
N SER A 73 -8.15 -24.07 -7.99
CA SER A 73 -7.33 -24.58 -6.86
C SER A 73 -6.62 -25.90 -7.20
N SER A 74 -5.42 -26.08 -6.67
CA SER A 74 -4.65 -27.33 -6.85
C SER A 74 -4.03 -27.71 -5.51
N PRO A 75 -3.63 -28.97 -5.28
CA PRO A 75 -2.98 -29.28 -4.04
C PRO A 75 -1.72 -28.42 -3.95
N GLU A 76 -1.12 -28.10 -5.10
CA GLU A 76 0.15 -27.30 -5.13
C GLU A 76 -0.16 -25.79 -5.11
N PHE A 77 -1.40 -25.37 -5.37
CA PHE A 77 -1.80 -23.94 -5.21
C PHE A 77 -3.13 -23.92 -4.46
N PRO A 78 -3.14 -24.32 -3.17
CA PRO A 78 -4.38 -24.46 -2.42
C PRO A 78 -4.98 -23.11 -2.01
N PRO A 79 -6.28 -23.05 -1.65
CA PRO A 79 -6.94 -21.75 -1.42
C PRO A 79 -6.27 -20.87 -0.37
N HIS A 80 -5.53 -21.44 0.58
N HIS A 80 -5.52 -21.44 0.58
CA HIS A 80 -4.89 -20.61 1.60
CA HIS A 80 -4.89 -20.61 1.59
C HIS A 80 -3.69 -19.83 1.06
C HIS A 80 -3.68 -19.85 1.06
N LEU A 81 -3.27 -20.10 -0.18
CA LEU A 81 -2.24 -19.32 -0.84
C LEU A 81 -2.81 -18.34 -1.85
N HIS A 82 -4.13 -18.17 -1.87
CA HIS A 82 -4.75 -17.28 -2.84
C HIS A 82 -4.71 -15.84 -2.33
N THR A 83 -3.51 -15.38 -2.00
CA THR A 83 -3.23 -14.03 -1.54
C THR A 83 -1.74 -13.76 -1.73
N THR A 84 -1.40 -12.48 -1.86
CA THR A 84 0.00 -12.07 -1.86
C THR A 84 0.60 -12.05 -0.46
N ASN A 85 -0.23 -12.13 0.57
CA ASN A 85 0.21 -11.98 1.95
C ASN A 85 1.03 -13.20 2.34
N GLY A 86 2.35 -13.02 2.40
CA GLY A 86 3.23 -14.12 2.72
C GLY A 86 3.44 -15.11 1.60
N LEU A 87 3.07 -14.77 0.38
CA LEU A 87 3.17 -15.70 -0.73
C LEU A 87 4.62 -15.81 -1.20
N PRO A 88 5.12 -17.02 -1.42
CA PRO A 88 6.44 -17.17 -2.04
C PRO A 88 6.51 -16.38 -3.33
N PRO A 89 7.52 -15.51 -3.47
CA PRO A 89 7.56 -14.61 -4.65
C PRO A 89 7.50 -15.36 -5.98
N THR A 90 7.97 -16.60 -6.02
CA THR A 90 7.90 -17.39 -7.25
C THR A 90 6.48 -17.82 -7.59
N LEU A 91 5.53 -17.72 -6.66
CA LEU A 91 4.14 -18.03 -6.95
C LEU A 91 3.33 -16.82 -7.38
N MET A 92 3.92 -15.63 -7.36
CA MET A 92 3.20 -14.43 -7.78
C MET A 92 2.67 -14.52 -9.22
N PRO A 93 3.42 -15.04 -10.19
CA PRO A 93 2.80 -15.21 -11.53
C PRO A 93 1.59 -16.12 -11.53
N ALA A 94 1.63 -17.20 -10.75
CA ALA A 94 0.49 -18.11 -10.69
C ALA A 94 -0.73 -17.42 -10.10
N LEU A 95 -0.53 -16.54 -9.11
CA LEU A 95 -1.65 -15.88 -8.47
C LEU A 95 -2.32 -14.89 -9.42
N HIS A 96 -1.53 -14.13 -10.18
CA HIS A 96 -2.11 -13.25 -11.18
C HIS A 96 -2.90 -14.05 -12.21
N GLN A 97 -2.35 -15.20 -12.63
CA GLN A 97 -3.04 -16.02 -13.62
C GLN A 97 -4.32 -16.62 -13.05
N ALA A 98 -4.25 -17.16 -11.82
CA ALA A 98 -5.44 -17.72 -11.19
C ALA A 98 -6.51 -16.66 -10.99
N PHE A 99 -6.10 -15.44 -10.65
CA PHE A 99 -7.06 -14.36 -10.44
C PHE A 99 -7.85 -14.06 -11.71
N SER A 100 -7.15 -13.98 -12.85
CA SER A 100 -7.83 -13.75 -14.12
C SER A 100 -8.80 -14.88 -14.46
N MET A 101 -8.49 -16.10 -14.02
CA MET A 101 -9.35 -17.24 -14.29
C MET A 101 -10.61 -17.25 -13.43
N ALA A 102 -10.75 -16.31 -12.51
CA ALA A 102 -11.97 -16.18 -11.71
C ALA A 102 -13.01 -15.30 -12.38
N ALA A 103 -12.78 -14.90 -13.63
CA ALA A 103 -13.73 -14.02 -14.33
C ALA A 103 -15.10 -14.68 -14.48
N GLN A 104 -15.12 -15.95 -14.92
CA GLN A 104 -16.39 -16.70 -14.93
C GLN A 104 -17.10 -16.71 -13.59
N HIS A 105 -16.43 -17.02 -12.49
CA HIS A 105 -17.14 -16.98 -11.22
C HIS A 105 -17.59 -15.56 -10.90
N PHE A 106 -16.75 -14.57 -11.21
CA PHE A 106 -17.09 -13.17 -10.96
C PHE A 106 -18.36 -12.77 -11.69
N GLU A 107 -18.49 -13.18 -12.96
CA GLU A 107 -19.69 -12.84 -13.72
C GLU A 107 -20.94 -13.42 -13.07
N SER A 108 -20.87 -14.65 -12.58
CA SER A 108 -22.04 -15.26 -11.94
C SER A 108 -22.40 -14.55 -10.65
N ILE A 109 -21.41 -14.05 -9.92
CA ILE A 109 -21.69 -13.28 -8.71
C ILE A 109 -22.40 -11.98 -9.07
N LEU A 110 -21.91 -11.27 -10.09
CA LEU A 110 -22.56 -10.04 -10.52
C LEU A 110 -23.99 -10.30 -10.96
N GLN A 111 -24.23 -11.42 -11.65
CA GLN A 111 -25.60 -11.71 -12.08
C GLN A 111 -26.49 -12.08 -10.90
N THR A 112 -25.95 -12.79 -9.91
CA THR A 112 -26.76 -13.12 -8.74
C THR A 112 -27.06 -11.88 -7.90
N LEU A 113 -26.05 -11.05 -7.63
CA LEU A 113 -26.23 -9.91 -6.74
C LEU A 113 -26.78 -8.68 -7.45
N ALA A 114 -26.55 -8.55 -8.76
CA ALA A 114 -26.99 -7.42 -9.58
C ALA A 114 -26.73 -6.08 -8.89
N PRO A 115 -25.47 -5.75 -8.59
CA PRO A 115 -25.17 -4.46 -7.98
C PRO A 115 -25.35 -3.32 -8.98
N HIS A 116 -25.57 -2.12 -8.44
CA HIS A 116 -25.71 -0.94 -9.29
C HIS A 116 -24.36 -0.40 -9.74
N LEU A 117 -23.28 -0.73 -9.04
CA LEU A 117 -21.96 -0.21 -9.34
C LEU A 117 -20.91 -1.25 -8.98
N LEU A 118 -19.88 -1.34 -9.80
CA LEU A 118 -18.67 -2.11 -9.49
C LEU A 118 -17.52 -1.14 -9.27
N ILE A 119 -16.81 -1.32 -8.17
CA ILE A 119 -15.57 -0.60 -7.90
C ILE A 119 -14.45 -1.63 -7.88
N TYR A 120 -13.53 -1.53 -8.85
CA TYR A 120 -12.54 -2.57 -9.07
C TYR A 120 -11.14 -2.00 -8.96
N ASP A 121 -10.20 -2.88 -8.64
CA ASP A 121 -8.80 -2.50 -8.47
C ASP A 121 -8.09 -2.44 -9.82
N SER A 122 -6.84 -2.01 -9.81
CA SER A 122 -6.07 -1.71 -11.00
C SER A 122 -5.38 -2.92 -11.61
N LEU A 123 -5.62 -4.13 -11.09
CA LEU A 123 -4.89 -5.31 -11.53
C LEU A 123 -5.81 -6.40 -12.06
N GLN A 124 -6.93 -6.03 -12.65
CA GLN A 124 -7.88 -6.99 -13.21
C GLN A 124 -8.64 -6.37 -14.38
N PRO A 125 -8.01 -6.34 -15.57
CA PRO A 125 -8.71 -5.79 -16.75
C PRO A 125 -9.97 -6.54 -17.12
N TRP A 126 -10.09 -7.80 -16.69
CA TRP A 126 -11.31 -8.57 -16.95
C TRP A 126 -12.50 -8.06 -16.16
N ALA A 127 -12.27 -7.36 -15.04
CA ALA A 127 -13.38 -6.94 -14.19
C ALA A 127 -14.26 -5.88 -14.85
N PRO A 128 -13.74 -4.78 -15.40
CA PRO A 128 -14.63 -3.86 -16.12
C PRO A 128 -15.24 -4.46 -17.36
N ARG A 129 -14.53 -5.39 -18.01
CA ARG A 129 -15.08 -6.07 -19.19
C ARG A 129 -16.32 -6.87 -18.83
N VAL A 130 -16.27 -7.60 -17.72
CA VAL A 130 -17.44 -8.38 -17.31
C VAL A 130 -18.59 -7.46 -16.92
N ALA A 131 -18.29 -6.36 -16.24
CA ALA A 131 -19.34 -5.45 -15.80
C ALA A 131 -20.06 -4.80 -16.98
N SER A 132 -19.31 -4.39 -18.00
CA SER A 132 -19.93 -3.75 -19.16
C SER A 132 -20.85 -4.72 -19.89
N SER A 133 -20.44 -5.98 -20.02
CA SER A 133 -21.28 -6.98 -20.66
C SER A 133 -22.61 -7.14 -19.94
N LEU A 134 -22.65 -6.90 -18.64
CA LEU A 134 -23.88 -6.96 -17.86
C LEU A 134 -24.51 -5.59 -17.64
N LYS A 135 -24.01 -4.56 -18.32
CA LYS A 135 -24.56 -3.20 -18.20
C LYS A 135 -24.50 -2.68 -16.77
N ILE A 136 -23.41 -2.99 -16.08
CA ILE A 136 -23.16 -2.49 -14.73
C ILE A 136 -22.03 -1.46 -14.80
N PRO A 137 -22.27 -0.22 -14.40
CA PRO A 137 -21.18 0.78 -14.41
C PRO A 137 -20.06 0.36 -13.48
N ALA A 138 -18.83 0.60 -13.91
CA ALA A 138 -17.65 0.17 -13.17
C ALA A 138 -16.64 1.31 -13.04
N ILE A 139 -16.12 1.49 -11.83
CA ILE A 139 -15.22 2.59 -11.50
C ILE A 139 -13.94 2.00 -10.92
N ASN A 140 -12.80 2.43 -11.46
CA ASN A 140 -11.51 2.01 -10.92
C ASN A 140 -11.22 2.75 -9.63
N PHE A 141 -10.84 2.01 -8.59
CA PHE A 141 -10.26 2.57 -7.37
C PHE A 141 -8.81 2.14 -7.32
N ASN A 142 -7.90 3.10 -7.48
CA ASN A 142 -6.47 2.84 -7.41
C ASN A 142 -6.02 3.13 -5.98
N THR A 143 -5.53 2.09 -5.29
CA THR A 143 -5.21 2.15 -3.87
C THR A 143 -3.84 2.75 -3.59
N THR A 144 -3.04 3.03 -4.61
CA THR A 144 -1.72 3.62 -4.43
C THR A 144 -1.71 5.02 -5.02
N GLY A 145 -0.52 5.63 -5.07
CA GLY A 145 -0.42 7.05 -5.38
C GLY A 145 -0.42 7.36 -6.86
N VAL A 146 -0.47 8.67 -7.15
CA VAL A 146 -0.46 9.39 -8.41
C VAL A 146 0.94 9.47 -9.02
N PHE A 147 1.93 9.70 -8.14
CA PHE A 147 3.32 10.05 -8.56
C PHE A 147 3.90 9.00 -9.49
N VAL A 148 3.90 7.74 -9.08
CA VAL A 148 4.40 6.60 -9.90
C VAL A 148 3.73 6.60 -11.28
N ILE A 149 2.42 6.68 -11.31
CA ILE A 149 1.69 6.54 -12.60
C ILE A 149 2.13 7.64 -13.55
N SER A 150 2.20 8.87 -13.05
CA SER A 150 2.53 9.98 -13.94
C SER A 150 4.03 10.01 -14.26
N GLN A 151 4.87 9.68 -13.27
CA GLN A 151 6.31 9.58 -13.52
C GLN A 151 6.63 8.49 -14.53
N GLY A 152 5.84 7.40 -14.54
CA GLY A 152 6.08 6.35 -15.49
C GLY A 152 5.49 6.61 -16.85
N LEU A 153 4.40 7.38 -16.92
CA LEU A 153 3.66 7.58 -18.16
C LEU A 153 4.22 8.73 -18.99
N HIS A 154 4.72 9.77 -18.33
CA HIS A 154 5.29 10.92 -19.02
C HIS A 154 6.40 10.58 -20.01
N PRO A 155 7.43 9.79 -19.67
CA PRO A 155 8.52 9.57 -20.64
C PRO A 155 8.12 8.74 -21.85
N ILE A 156 6.99 8.03 -21.80
CA ILE A 156 6.54 7.29 -22.97
C ILE A 156 6.11 8.25 -24.08
N HIS A 157 5.47 9.36 -23.69
CA HIS A 157 5.00 10.36 -24.64
C HIS A 157 6.06 11.43 -24.91
N TYR A 158 6.83 11.80 -23.89
CA TYR A 158 7.75 12.93 -23.97
C TYR A 158 9.13 12.50 -23.47
N PRO A 159 9.82 11.66 -24.25
CA PRO A 159 11.12 11.13 -23.78
C PRO A 159 12.21 12.18 -23.67
N HIS A 160 12.06 13.33 -24.33
CA HIS A 160 13.08 14.38 -24.32
C HIS A 160 12.66 15.59 -23.51
N SER A 161 11.55 15.50 -22.79
CA SER A 161 11.03 16.57 -21.95
C SER A 161 11.19 16.20 -20.48
N LYS A 162 11.70 17.13 -19.66
CA LYS A 162 11.88 16.86 -18.21
C LYS A 162 10.53 16.81 -17.50
N PHE A 163 10.37 15.82 -16.62
CA PHE A 163 9.11 15.69 -15.85
C PHE A 163 8.84 17.02 -15.15
N PRO A 164 7.62 17.56 -15.26
CA PRO A 164 7.32 18.82 -14.62
C PRO A 164 7.24 18.79 -13.09
N PHE A 165 7.61 19.88 -12.43
CA PHE A 165 7.38 20.04 -10.97
C PHE A 165 8.24 19.19 -10.03
N SER A 166 9.12 18.34 -10.56
CA SER A 166 9.87 17.43 -9.67
C SER A 166 11.35 17.35 -10.04
N GLU A 167 12.19 17.00 -9.08
CA GLU A 167 13.62 16.77 -9.37
C GLU A 167 13.89 15.27 -9.22
N PHE A 168 12.84 14.46 -9.04
CA PHE A 168 13.06 13.03 -8.85
C PHE A 168 13.68 12.41 -10.08
N VAL A 169 14.59 11.46 -9.86
CA VAL A 169 15.18 10.66 -10.92
C VAL A 169 15.16 9.20 -10.48
N LEU A 170 14.66 8.33 -11.34
CA LEU A 170 14.59 6.90 -11.01
C LEU A 170 15.97 6.27 -11.14
N HIS A 171 16.40 5.59 -10.08
CA HIS A 171 17.67 4.88 -10.09
C HIS A 171 17.69 3.85 -11.21
N ASN A 172 18.90 3.63 -11.77
CA ASN A 172 19.01 2.72 -12.91
C ASN A 172 18.62 1.29 -12.55
N HIS A 173 18.67 0.91 -11.29
CA HIS A 173 18.21 -0.44 -10.88
C HIS A 173 16.75 -0.69 -11.28
N TRP A 174 15.89 0.30 -11.11
CA TRP A 174 14.45 0.11 -11.38
C TRP A 174 14.13 0.45 -12.83
N LYS A 175 15.00 1.21 -13.47
CA LYS A 175 14.83 1.56 -14.89
C LYS A 175 15.12 0.31 -15.72
N ALA A 176 15.99 -0.56 -15.23
CA ALA A 176 16.29 -1.82 -15.90
C ALA A 176 15.20 -2.85 -15.56
N MET A 177 14.79 -2.93 -14.29
CA MET A 177 13.75 -3.88 -13.84
C MET A 177 12.49 -3.68 -14.67
N TYR A 178 12.07 -2.45 -14.83
CA TYR A 178 10.77 -2.21 -15.51
C TYR A 178 10.97 -1.89 -16.98
N SER A 179 12.03 -2.39 -17.59
CA SER A 179 12.23 -2.21 -19.05
C SER A 179 11.76 -3.47 -19.77
N ARG A 188 6.18 -8.86 -21.50
CA ARG A 188 5.87 -9.27 -20.13
C ARG A 188 5.67 -8.03 -19.26
N THR A 189 6.72 -7.21 -19.14
CA THR A 189 6.63 -5.93 -18.45
C THR A 189 5.65 -5.01 -19.14
N ARG A 190 5.76 -4.94 -20.48
CA ARG A 190 4.80 -4.17 -21.26
C ARG A 190 3.37 -4.65 -21.03
N LYS A 191 3.18 -5.97 -20.97
CA LYS A 191 1.84 -6.53 -20.83
C LYS A 191 1.22 -6.18 -19.47
N ARG A 192 2.03 -6.19 -18.42
CA ARG A 192 1.50 -5.85 -17.10
C ARG A 192 1.20 -4.36 -17.00
N GLY A 193 2.07 -3.52 -17.56
CA GLY A 193 1.79 -2.09 -17.60
C GLY A 193 0.56 -1.75 -18.40
N GLU A 194 0.39 -2.37 -19.57
CA GLU A 194 -0.80 -2.11 -20.39
C GLU A 194 -2.06 -2.57 -19.68
N ALA A 195 -2.00 -3.71 -18.98
CA ALA A 195 -3.13 -4.15 -18.19
C ALA A 195 -3.44 -3.17 -17.07
N PHE A 196 -2.41 -2.73 -16.35
CA PHE A 196 -2.60 -1.77 -15.27
C PHE A 196 -3.23 -0.47 -15.77
N LEU A 197 -2.68 0.10 -16.84
CA LEU A 197 -3.21 1.35 -17.37
C LEU A 197 -4.61 1.16 -17.95
N TYR A 198 -4.91 -0.02 -18.50
CA TYR A 198 -6.26 -0.26 -19.00
C TYR A 198 -7.31 -0.11 -17.91
N CYS A 199 -7.03 -0.66 -16.72
CA CYS A 199 -8.06 -0.57 -15.70
C CYS A 199 -8.29 0.88 -15.29
N LEU A 200 -7.29 1.75 -15.39
CA LEU A 200 -7.53 3.18 -15.17
C LEU A 200 -8.28 3.79 -16.34
N HIS A 201 -7.81 3.52 -17.57
CA HIS A 201 -8.40 4.15 -18.75
C HIS A 201 -9.84 3.70 -18.99
N ALA A 202 -10.17 2.45 -18.64
CA ALA A 202 -11.50 1.93 -18.89
C ALA A 202 -12.51 2.34 -17.83
N SER A 203 -12.08 3.00 -16.75
CA SER A 203 -13.01 3.36 -15.71
C SER A 203 -14.08 4.32 -16.22
N CYS A 204 -15.27 4.20 -15.66
CA CYS A 204 -16.34 5.06 -16.16
C CYS A 204 -16.31 6.37 -15.40
N SER A 205 -16.11 7.41 -16.21
CA SER A 205 -16.22 8.82 -15.82
C SER A 205 -15.06 9.32 -14.96
N VAL A 206 -14.73 8.60 -13.88
CA VAL A 206 -13.69 9.05 -12.96
C VAL A 206 -12.84 7.88 -12.52
N ILE A 207 -11.62 8.20 -12.07
CA ILE A 207 -10.75 7.27 -11.36
C ILE A 207 -10.65 7.74 -9.93
N LEU A 208 -11.03 6.88 -8.99
CA LEU A 208 -10.82 7.13 -7.57
C LEU A 208 -9.38 6.74 -7.22
N ILE A 209 -8.70 7.62 -6.48
N ILE A 209 -8.72 7.60 -6.45
CA ILE A 209 -7.31 7.38 -6.12
CA ILE A 209 -7.31 7.42 -6.12
C ILE A 209 -7.12 7.65 -4.63
C ILE A 209 -7.10 7.66 -4.63
N ASN A 210 -6.35 6.77 -3.99
CA ASN A 210 -6.06 6.86 -2.56
C ASN A 210 -4.89 7.83 -2.34
N SER A 211 -5.21 9.12 -2.47
CA SER A 211 -4.23 10.17 -2.21
C SER A 211 -4.97 11.46 -1.89
N PHE A 212 -4.19 12.50 -1.60
CA PHE A 212 -4.75 13.78 -1.20
C PHE A 212 -3.93 14.92 -1.82
N ARG A 213 -4.59 16.05 -2.04
CA ARG A 213 -4.02 17.10 -2.88
C ARG A 213 -2.83 17.79 -2.21
N GLU A 214 -2.84 17.90 -0.88
CA GLU A 214 -1.70 18.49 -0.18
C GLU A 214 -0.40 17.77 -0.46
N LEU A 215 -0.46 16.50 -0.90
CA LEU A 215 0.72 15.72 -1.22
C LEU A 215 0.95 15.57 -2.72
N GLU A 216 -0.11 15.39 -3.50
CA GLU A 216 0.04 14.99 -4.89
C GLU A 216 -0.85 15.81 -5.84
N GLY A 217 -1.33 16.98 -5.42
CA GLY A 217 -2.35 17.69 -6.18
C GLY A 217 -1.95 17.97 -7.61
N LYS A 218 -0.76 18.54 -7.81
CA LYS A 218 -0.29 18.87 -9.15
C LYS A 218 0.00 17.63 -9.99
N TYR A 219 0.33 16.49 -9.35
CA TYR A 219 0.50 15.26 -10.09
C TYR A 219 -0.84 14.63 -10.48
N MET A 220 -1.86 14.80 -9.63
CA MET A 220 -3.21 14.37 -10.00
C MET A 220 -3.70 15.12 -11.23
N ASP A 221 -3.51 16.45 -11.25
CA ASP A 221 -3.94 17.23 -12.39
C ASP A 221 -3.18 16.84 -13.65
N TYR A 222 -1.87 16.61 -13.52
CA TYR A 222 -1.08 16.21 -14.69
C TYR A 222 -1.47 14.82 -15.18
N LEU A 223 -1.72 13.88 -14.26
CA LEU A 223 -2.11 12.54 -14.66
C LEU A 223 -3.45 12.54 -15.38
N SER A 224 -4.41 13.33 -14.88
CA SER A 224 -5.69 13.45 -15.58
C SER A 224 -5.49 13.95 -17.00
N VAL A 225 -4.49 14.80 -17.22
CA VAL A 225 -4.20 15.29 -18.55
C VAL A 225 -3.57 14.20 -19.40
N LEU A 226 -2.65 13.42 -18.83
CA LEU A 226 -1.98 12.36 -19.58
C LEU A 226 -2.94 11.25 -19.95
N LEU A 227 -3.89 10.93 -19.06
CA LEU A 227 -4.83 9.86 -19.29
C LEU A 227 -6.12 10.31 -19.96
N ASN A 228 -6.40 11.62 -19.97
CA ASN A 228 -7.67 12.17 -20.41
C ASN A 228 -8.82 11.54 -19.61
N LYS A 229 -8.65 11.50 -18.30
CA LYS A 229 -9.67 11.00 -17.38
C LYS A 229 -9.71 11.88 -16.16
N LYS A 230 -10.90 12.04 -15.58
CA LYS A 230 -11.04 12.78 -14.33
C LYS A 230 -10.54 11.93 -13.17
N VAL A 231 -9.74 12.54 -12.31
CA VAL A 231 -9.13 11.86 -11.16
C VAL A 231 -9.74 12.44 -9.89
N VAL A 232 -10.25 11.57 -9.04
CA VAL A 232 -10.93 11.99 -7.81
C VAL A 232 -10.18 11.44 -6.60
N PRO A 233 -9.56 12.28 -5.78
CA PRO A 233 -8.89 11.77 -4.57
C PRO A 233 -9.92 11.40 -3.51
N VAL A 234 -9.65 10.27 -2.85
CA VAL A 234 -10.52 9.74 -1.77
C VAL A 234 -9.72 9.83 -0.48
N GLY A 235 -8.57 10.46 -0.55
CA GLY A 235 -7.85 10.92 0.66
C GLY A 235 -6.97 9.89 1.22
N PRO A 236 -6.24 10.19 2.29
CA PRO A 236 -5.50 9.14 2.93
C PRO A 236 -6.53 8.18 3.56
N LEU A 237 -6.41 6.90 3.29
CA LEU A 237 -7.30 5.88 3.88
C LEU A 237 -6.50 5.08 4.89
N VAL A 238 -6.53 5.50 6.12
CA VAL A 238 -5.69 4.89 7.14
C VAL A 238 -6.57 4.13 8.11
N TYR A 239 -6.28 2.85 8.29
CA TYR A 239 -6.93 2.07 9.34
C TYR A 239 -6.30 2.40 10.68
N GLU A 240 -7.14 2.64 11.68
CA GLU A 240 -6.67 2.91 13.03
C GLU A 240 -7.33 1.93 13.99
N PRO A 241 -6.57 1.05 14.64
CA PRO A 241 -7.16 0.09 15.56
C PRO A 241 -7.43 0.72 16.92
N ASN A 242 -8.32 0.05 17.66
CA ASN A 242 -8.63 0.46 19.02
C ASN A 242 -8.05 -0.55 20.01
N GLU A 248 -2.33 -9.02 22.31
CA GLU A 248 -1.27 -10.02 22.60
C GLU A 248 0.09 -9.43 22.28
N GLY A 249 0.37 -9.26 21.00
CA GLY A 249 1.66 -8.69 20.61
C GLY A 249 1.90 -7.34 21.26
N TYR A 250 1.02 -6.37 21.10
CA TYR A 250 1.29 -4.98 21.57
C TYR A 250 1.72 -4.88 23.02
N SER A 251 1.10 -5.62 23.92
CA SER A 251 1.44 -5.58 25.36
C SER A 251 2.95 -5.73 25.54
N SER A 252 3.48 -6.85 25.06
CA SER A 252 4.92 -7.12 25.20
C SER A 252 5.73 -6.01 24.54
N ILE A 253 5.24 -5.54 23.39
CA ILE A 253 6.02 -4.50 22.68
C ILE A 253 5.98 -3.16 23.44
N LYS A 254 4.82 -2.70 23.89
CA LYS A 254 4.66 -1.43 24.64
C LYS A 254 5.50 -1.45 25.92
N ASN A 255 5.55 -2.60 26.58
CA ASN A 255 6.38 -2.68 27.80
C ASN A 255 7.83 -2.36 27.45
N TRP A 256 8.33 -2.84 26.33
CA TRP A 256 9.69 -2.58 25.86
C TRP A 256 9.84 -1.14 25.39
N LEU A 257 8.85 -0.62 24.66
CA LEU A 257 8.91 0.75 24.16
C LEU A 257 8.79 1.77 25.28
N ASP A 258 8.01 1.45 26.33
CA ASP A 258 7.82 2.38 27.44
C ASP A 258 9.11 2.64 28.19
N LYS A 259 10.10 1.75 28.08
CA LYS A 259 11.39 1.94 28.74
C LYS A 259 12.36 2.79 27.92
N LYS A 260 11.99 3.16 26.71
CA LYS A 260 12.88 3.91 25.83
C LYS A 260 12.65 5.41 25.98
N GLU A 261 13.59 6.19 25.47
CA GLU A 261 13.45 7.63 25.43
C GLU A 261 12.51 8.03 24.29
N PRO A 262 11.86 9.18 24.40
CA PRO A 262 10.96 9.63 23.33
C PRO A 262 11.69 9.85 22.01
N SER A 263 11.06 9.41 20.93
CA SER A 263 11.55 9.60 19.56
C SER A 263 12.95 9.00 19.36
N SER A 264 13.19 7.84 19.98
CA SER A 264 14.50 7.21 19.94
C SER A 264 14.51 5.91 19.16
N THR A 265 13.37 5.46 18.64
CA THR A 265 13.21 4.10 18.16
C THR A 265 12.66 4.09 16.74
N VAL A 266 13.24 3.26 15.88
CA VAL A 266 12.73 3.05 14.53
C VAL A 266 11.97 1.75 14.47
N PHE A 267 10.89 1.74 13.70
CA PHE A 267 10.18 0.53 13.32
C PHE A 267 10.67 0.13 11.93
N VAL A 268 10.99 -1.16 11.76
CA VAL A 268 11.54 -1.66 10.51
C VAL A 268 10.57 -2.69 9.95
N SER A 269 10.05 -2.43 8.75
CA SER A 269 9.02 -3.26 8.14
C SER A 269 9.14 -3.16 6.63
N PHE A 270 8.92 -4.27 5.92
CA PHE A 270 8.94 -4.28 4.46
C PHE A 270 7.62 -4.77 3.89
N GLY A 271 6.55 -4.64 4.66
CA GLY A 271 5.21 -4.85 4.15
C GLY A 271 4.73 -6.28 4.29
N SER A 272 3.69 -6.58 3.52
CA SER A 272 3.02 -7.87 3.57
C SER A 272 3.47 -8.83 2.47
N GLU A 273 4.14 -8.35 1.43
CA GLU A 273 4.43 -9.20 0.29
C GLU A 273 5.85 -8.97 -0.23
N TYR A 274 6.80 -8.75 0.66
CA TYR A 274 8.20 -8.70 0.26
C TYR A 274 9.07 -9.35 1.32
N PHE A 275 10.05 -10.12 0.86
CA PHE A 275 10.94 -10.86 1.74
C PHE A 275 12.37 -10.54 1.34
N PRO A 276 13.04 -9.64 2.07
CA PRO A 276 14.40 -9.24 1.70
C PRO A 276 15.32 -10.45 1.67
N SER A 277 16.25 -10.43 0.72
CA SER A 277 17.35 -11.36 0.53
C SER A 277 18.19 -11.43 1.80
N LYS A 278 18.93 -12.53 2.01
CA LYS A 278 19.87 -12.58 3.13
C LYS A 278 20.90 -11.47 3.03
N GLU A 279 21.27 -11.09 1.80
CA GLU A 279 22.24 -10.00 1.69
C GLU A 279 21.60 -8.65 1.97
N GLU A 280 20.34 -8.44 1.56
CA GLU A 280 19.66 -7.20 1.93
C GLU A 280 19.46 -7.10 3.43
N MET A 281 19.11 -8.21 4.08
CA MET A 281 18.93 -8.20 5.53
C MET A 281 20.24 -7.86 6.24
N GLU A 282 21.36 -8.34 5.71
CA GLU A 282 22.65 -8.03 6.31
C GLU A 282 22.93 -6.54 6.28
N GLU A 283 22.61 -5.87 5.17
CA GLU A 283 22.83 -4.44 5.08
C GLU A 283 21.90 -3.67 6.01
N ILE A 284 20.65 -4.12 6.13
CA ILE A 284 19.72 -3.48 7.07
C ILE A 284 20.21 -3.67 8.50
N ALA A 285 20.63 -4.89 8.84
CA ALA A 285 21.04 -5.18 10.21
C ALA A 285 22.29 -4.40 10.59
N HIS A 286 23.31 -4.42 9.74
CA HIS A 286 24.54 -3.69 10.04
C HIS A 286 24.30 -2.19 10.04
N GLY A 287 23.35 -1.70 9.24
CA GLY A 287 22.98 -0.29 9.31
C GLY A 287 22.34 0.07 10.64
N LEU A 288 21.44 -0.80 11.13
CA LEU A 288 20.83 -0.57 12.44
C LEU A 288 21.87 -0.64 13.55
N GLU A 289 22.79 -1.60 13.47
CA GLU A 289 23.82 -1.74 14.48
C GLU A 289 24.68 -0.48 14.55
N ALA A 290 25.18 -0.02 13.40
CA ALA A 290 26.10 1.12 13.39
C ALA A 290 25.43 2.41 13.80
N SER A 291 24.11 2.53 13.61
CA SER A 291 23.41 3.74 14.00
C SER A 291 23.18 3.81 15.50
N GLU A 292 23.26 2.69 16.20
CA GLU A 292 23.06 2.59 17.66
C GLU A 292 21.64 2.98 18.07
N VAL A 293 20.69 2.94 17.14
CA VAL A 293 19.31 3.31 17.45
C VAL A 293 18.62 2.16 18.18
N ASN A 294 17.50 2.46 18.82
CA ASN A 294 16.57 1.42 19.22
C ASN A 294 15.74 1.01 18.02
N PHE A 295 15.43 -0.28 17.90
CA PHE A 295 14.69 -0.72 16.72
C PHE A 295 13.78 -1.90 17.05
N ILE A 296 12.61 -1.90 16.39
CA ILE A 296 11.71 -3.05 16.34
C ILE A 296 11.60 -3.44 14.87
N TRP A 297 11.97 -4.69 14.57
CA TRP A 297 12.14 -5.15 13.19
C TRP A 297 11.27 -6.38 12.98
N VAL A 298 10.32 -6.27 12.05
CA VAL A 298 9.45 -7.38 11.65
C VAL A 298 10.20 -8.22 10.63
N VAL A 299 10.47 -9.48 10.94
CA VAL A 299 11.12 -10.41 10.03
C VAL A 299 10.11 -11.49 9.68
N ARG A 300 9.83 -11.62 8.38
CA ARG A 300 8.85 -12.59 7.91
C ARG A 300 9.49 -13.60 6.97
N PHE A 301 8.84 -14.75 6.87
CA PHE A 301 9.24 -15.81 5.97
C PHE A 301 8.03 -16.24 5.15
N PRO A 302 8.23 -16.59 3.88
CA PRO A 302 7.11 -17.00 3.04
C PRO A 302 6.47 -18.27 3.59
N GLN A 303 5.19 -18.46 3.25
CA GLN A 303 4.34 -19.45 3.91
C GLN A 303 4.86 -20.88 3.80
N GLY A 304 5.71 -21.17 2.82
CA GLY A 304 6.24 -22.51 2.66
C GLY A 304 7.65 -22.71 3.17
N ASP A 305 8.30 -21.66 3.65
CA ASP A 305 9.73 -21.78 4.06
C ASP A 305 9.84 -22.53 5.39
N ASN A 306 10.52 -23.67 5.38
CA ASN A 306 10.76 -24.43 6.64
C ASN A 306 12.23 -24.25 7.01
N THR A 307 13.05 -23.82 6.05
CA THR A 307 14.51 -23.76 6.24
C THR A 307 14.99 -22.45 6.87
N SER A 308 14.11 -21.49 7.05
CA SER A 308 14.62 -20.17 7.50
C SER A 308 14.19 -19.85 8.93
N GLY A 309 15.03 -19.07 9.62
CA GLY A 309 14.74 -18.68 11.02
C GLY A 309 15.29 -17.31 11.33
N ILE A 310 14.97 -16.76 12.50
CA ILE A 310 15.36 -15.40 12.81
C ILE A 310 16.87 -15.31 12.97
N GLU A 311 17.44 -16.22 13.76
CA GLU A 311 18.89 -16.23 13.98
C GLU A 311 19.64 -16.51 12.69
N ASP A 312 19.16 -17.46 11.89
CA ASP A 312 19.84 -17.78 10.64
C ASP A 312 19.72 -16.64 9.63
N ALA A 313 18.58 -15.95 9.62
CA ALA A 313 18.36 -14.91 8.63
C ALA A 313 19.20 -13.66 8.91
N LEU A 314 19.59 -13.44 10.15
CA LEU A 314 20.32 -12.25 10.52
C LEU A 314 21.80 -12.54 10.67
N PRO A 315 22.65 -11.51 10.58
CA PRO A 315 24.08 -11.73 10.83
C PRO A 315 24.31 -12.36 12.19
N LYS A 316 25.37 -13.16 12.28
CA LYS A 316 25.66 -13.86 13.53
C LYS A 316 25.92 -12.87 14.65
N GLY A 317 25.31 -13.13 15.81
CA GLY A 317 25.49 -12.30 16.98
C GLY A 317 24.84 -10.93 16.91
N PHE A 318 24.03 -10.66 15.88
CA PHE A 318 23.46 -9.33 15.70
C PHE A 318 22.57 -8.95 16.87
N LEU A 319 21.67 -9.83 17.27
CA LEU A 319 20.75 -9.45 18.34
C LEU A 319 21.44 -9.47 19.70
N GLU A 320 22.48 -10.28 19.90
CA GLU A 320 23.15 -10.18 21.19
C GLU A 320 24.03 -8.94 21.27
N ARG A 321 24.52 -8.41 20.16
CA ARG A 321 25.24 -7.11 20.18
C ARG A 321 24.28 -5.94 20.38
N ALA A 322 23.06 -6.03 19.83
CA ALA A 322 22.11 -4.91 19.94
C ALA A 322 21.56 -4.85 21.36
N GLY A 323 21.48 -6.01 21.99
CA GLY A 323 20.96 -6.09 23.36
C GLY A 323 19.59 -5.51 23.50
N GLU A 324 19.46 -4.56 24.40
CA GLU A 324 18.10 -4.10 24.63
C GLU A 324 17.70 -2.98 23.69
N ARG A 325 18.59 -2.55 22.83
CA ARG A 325 18.26 -1.54 21.79
C ARG A 325 17.39 -2.19 20.69
N GLY A 326 17.47 -3.50 20.56
CA GLY A 326 16.79 -4.18 19.44
C GLY A 326 15.76 -5.21 19.81
N MET A 327 14.69 -5.28 19.04
CA MET A 327 13.62 -6.26 19.22
C MET A 327 13.20 -6.74 17.83
N VAL A 328 13.22 -8.04 17.63
CA VAL A 328 12.78 -8.60 16.37
C VAL A 328 11.45 -9.30 16.60
N VAL A 329 10.43 -8.91 15.83
CA VAL A 329 9.10 -9.51 15.88
C VAL A 329 8.96 -10.44 14.68
N LYS A 330 8.52 -11.67 14.94
CA LYS A 330 8.40 -12.60 13.84
C LYS A 330 6.97 -12.63 13.31
N GLY A 331 6.88 -12.56 11.99
CA GLY A 331 5.61 -12.69 11.30
C GLY A 331 4.86 -11.40 11.03
N TRP A 332 4.27 -10.82 12.07
CA TRP A 332 3.38 -9.68 11.92
C TRP A 332 3.44 -8.83 13.19
N ALA A 333 3.49 -7.52 13.03
CA ALA A 333 3.53 -6.59 14.15
C ALA A 333 2.36 -5.62 14.08
N PRO A 334 1.93 -5.08 15.22
CA PRO A 334 0.91 -4.01 15.21
C PRO A 334 1.50 -2.68 14.76
N GLN A 335 1.59 -2.53 13.43
CA GLN A 335 2.35 -1.43 12.84
C GLN A 335 1.81 -0.07 13.27
N ALA A 336 0.49 0.12 13.18
CA ALA A 336 -0.09 1.42 13.51
C ALA A 336 0.14 1.78 14.97
N LYS A 337 -0.09 0.84 15.87
CA LYS A 337 0.11 1.10 17.30
C LYS A 337 1.56 1.45 17.60
N ILE A 338 2.50 0.76 16.95
CA ILE A 338 3.91 1.07 17.16
C ILE A 338 4.25 2.46 16.64
N LEU A 339 3.73 2.81 15.45
CA LEU A 339 4.02 4.12 14.89
C LEU A 339 3.45 5.25 15.75
N LYS A 340 2.41 4.96 16.53
CA LYS A 340 1.79 5.97 17.37
C LYS A 340 2.44 6.09 18.75
N HIS A 341 3.31 5.15 19.12
CA HIS A 341 3.96 5.22 20.41
C HIS A 341 4.96 6.37 20.43
N TRP A 342 5.03 7.07 21.57
CA TRP A 342 5.86 8.26 21.68
C TRP A 342 7.35 7.97 21.56
N SER A 343 7.78 6.72 21.77
CA SER A 343 9.18 6.36 21.62
C SER A 343 9.60 6.21 20.17
N THR A 344 8.66 6.17 19.23
CA THR A 344 8.98 5.95 17.83
C THR A 344 9.44 7.25 17.19
N GLY A 345 10.67 7.29 16.71
CA GLY A 345 11.21 8.48 16.10
C GLY A 345 11.42 8.36 14.60
N GLY A 346 11.13 7.19 14.04
CA GLY A 346 11.35 6.97 12.62
C GLY A 346 10.77 5.65 12.17
N PHE A 347 10.68 5.51 10.85
CA PHE A 347 10.09 4.33 10.22
C PHE A 347 10.96 3.93 9.03
N VAL A 348 11.76 2.89 9.22
CA VAL A 348 12.55 2.30 8.14
C VAL A 348 11.60 1.42 7.33
N SER A 349 11.17 1.91 6.17
CA SER A 349 10.07 1.24 5.50
C SER A 349 10.37 1.03 4.03
N HIS A 350 9.74 -0.03 3.51
CA HIS A 350 9.84 -0.37 2.10
C HIS A 350 9.08 0.62 1.22
N CYS A 351 8.36 1.56 1.84
CA CYS A 351 7.54 2.63 1.27
C CYS A 351 6.43 2.10 0.37
N GLY A 352 5.80 1.02 0.86
CA GLY A 352 4.46 0.69 0.41
C GLY A 352 3.51 1.82 0.75
N TRP A 353 2.48 1.98 -0.09
CA TRP A 353 1.68 3.21 -0.04
C TRP A 353 0.92 3.34 1.27
N ASN A 354 0.36 2.24 1.79
CA ASN A 354 -0.35 2.33 3.06
C ASN A 354 0.60 2.68 4.20
N SER A 355 1.81 2.14 4.17
CA SER A 355 2.83 2.45 5.17
C SER A 355 3.20 3.92 5.16
N VAL A 356 3.32 4.48 3.95
CA VAL A 356 3.64 5.89 3.81
C VAL A 356 2.51 6.75 4.35
N MET A 357 1.27 6.41 4.00
N MET A 357 1.27 6.40 4.01
CA MET A 357 0.12 7.17 4.49
CA MET A 357 0.11 7.17 4.50
C MET A 357 0.01 7.09 6.01
C MET A 357 -0.02 7.07 6.01
N GLU A 358 0.22 5.89 6.57
CA GLU A 358 0.17 5.72 8.01
C GLU A 358 1.23 6.57 8.70
N SER A 359 2.46 6.53 8.18
CA SER A 359 3.55 7.27 8.82
C SER A 359 3.29 8.77 8.81
N MET A 360 2.75 9.31 7.72
CA MET A 360 2.39 10.73 7.70
C MET A 360 1.23 11.03 8.64
N MET A 361 0.20 10.18 8.63
CA MET A 361 -0.95 10.36 9.51
C MET A 361 -0.52 10.45 10.97
N PHE A 362 0.48 9.64 11.36
CA PHE A 362 0.96 9.62 12.73
C PHE A 362 2.17 10.51 12.96
N GLY A 363 2.65 11.21 11.93
CA GLY A 363 3.71 12.18 12.10
C GLY A 363 5.10 11.62 12.27
N VAL A 364 5.37 10.44 11.72
CA VAL A 364 6.63 9.74 11.91
C VAL A 364 7.49 9.94 10.66
N PRO A 365 8.73 10.41 10.79
CA PRO A 365 9.60 10.53 9.61
C PRO A 365 9.91 9.17 9.01
N ILE A 366 9.99 9.14 7.68
CA ILE A 366 10.23 7.90 6.94
C ILE A 366 11.69 7.84 6.54
N ILE A 367 12.29 6.66 6.70
CA ILE A 367 13.61 6.38 6.18
C ILE A 367 13.42 5.34 5.07
N GLY A 368 13.38 5.83 3.83
CA GLY A 368 12.98 5.01 2.71
C GLY A 368 13.99 3.96 2.28
N VAL A 369 13.58 2.70 2.31
CA VAL A 369 14.33 1.61 1.70
C VAL A 369 13.40 0.92 0.71
N PRO A 370 13.08 1.54 -0.43
CA PRO A 370 12.16 0.92 -1.37
C PRO A 370 12.76 -0.33 -2.00
N MET A 371 11.88 -1.22 -2.46
CA MET A 371 12.30 -2.52 -2.96
C MET A 371 11.91 -2.76 -4.40
N HIS A 372 10.65 -2.57 -4.78
CA HIS A 372 10.22 -2.82 -6.15
C HIS A 372 8.85 -2.17 -6.37
N VAL A 373 8.20 -2.54 -7.47
CA VAL A 373 6.99 -1.93 -8.00
C VAL A 373 7.01 -0.41 -7.80
N ASP A 374 6.01 0.11 -7.11
CA ASP A 374 5.77 1.54 -6.99
C ASP A 374 6.59 2.17 -5.84
N GLN A 375 7.29 1.36 -5.04
CA GLN A 375 8.02 1.87 -3.88
C GLN A 375 9.12 2.87 -4.21
N PRO A 376 10.00 2.64 -5.20
CA PRO A 376 11.01 3.67 -5.50
C PRO A 376 10.41 5.02 -5.86
N PHE A 377 9.26 5.03 -6.53
CA PHE A 377 8.57 6.29 -6.79
C PHE A 377 8.02 6.90 -5.50
N ASN A 378 7.39 6.08 -4.67
CA ASN A 378 6.86 6.56 -3.39
C ASN A 378 7.97 7.19 -2.56
N ALA A 379 9.13 6.55 -2.51
CA ALA A 379 10.28 7.12 -1.79
C ALA A 379 10.66 8.48 -2.35
N GLY A 380 10.67 8.60 -3.68
CA GLY A 380 10.95 9.89 -4.29
C GLY A 380 9.98 10.96 -3.84
N LEU A 381 8.68 10.62 -3.83
CA LEU A 381 7.67 11.58 -3.39
C LEU A 381 7.83 11.91 -1.91
N VAL A 382 8.11 10.91 -1.08
CA VAL A 382 8.36 11.16 0.34
C VAL A 382 9.51 12.16 0.50
N GLU A 383 10.60 11.93 -0.24
CA GLU A 383 11.74 12.83 -0.20
C GLU A 383 11.38 14.23 -0.68
N GLU A 384 10.61 14.31 -1.77
CA GLU A 384 10.21 15.61 -2.31
C GLU A 384 9.28 16.35 -1.35
N ALA A 385 8.34 15.63 -0.73
CA ALA A 385 7.44 16.25 0.23
C ALA A 385 8.16 16.67 1.51
N GLY A 386 9.36 16.15 1.76
CA GLY A 386 10.13 16.51 2.93
C GLY A 386 9.73 15.80 4.21
N VAL A 387 8.87 14.79 4.13
CA VAL A 387 8.44 14.03 5.30
C VAL A 387 9.28 12.78 5.49
N GLY A 388 10.40 12.68 4.79
CA GLY A 388 11.27 11.52 4.95
C GLY A 388 12.49 11.65 4.08
N VAL A 389 13.35 10.65 4.19
CA VAL A 389 14.61 10.57 3.44
C VAL A 389 14.69 9.20 2.82
N GLU A 390 15.39 9.09 1.70
CA GLU A 390 15.57 7.82 1.02
C GLU A 390 17.02 7.36 1.14
N ALA A 391 17.20 6.12 1.58
CA ALA A 391 18.50 5.48 1.51
C ALA A 391 18.79 5.09 0.07
N LYS A 392 19.82 5.70 -0.51
CA LYS A 392 20.15 5.47 -1.92
C LYS A 392 20.94 4.19 -2.08
N ARG A 393 20.62 3.45 -3.14
CA ARG A 393 21.34 2.22 -3.45
C ARG A 393 22.61 2.56 -4.24
N ASP A 394 23.56 1.64 -4.24
CA ASP A 394 24.82 1.87 -4.93
C ASP A 394 24.59 1.71 -6.43
N PRO A 395 25.60 2.00 -7.28
CA PRO A 395 25.35 1.95 -8.72
C PRO A 395 24.85 0.61 -9.24
N ASP A 396 25.09 -0.49 -8.53
CA ASP A 396 24.60 -1.79 -8.97
C ASP A 396 23.23 -2.13 -8.39
N GLY A 397 22.60 -1.21 -7.66
CA GLY A 397 21.29 -1.45 -7.09
C GLY A 397 21.29 -2.11 -5.74
N LYS A 398 22.40 -2.05 -5.00
CA LYS A 398 22.48 -2.77 -3.74
C LYS A 398 22.28 -1.80 -2.58
N ILE A 399 21.50 -2.27 -1.60
CA ILE A 399 21.31 -1.51 -0.37
C ILE A 399 22.67 -1.34 0.30
N GLN A 400 22.87 -0.17 0.93
CA GLN A 400 24.14 0.19 1.53
C GLN A 400 23.98 0.38 3.02
N ARG A 401 24.69 -0.43 3.81
CA ARG A 401 24.63 -0.31 5.26
C ARG A 401 25.06 1.08 5.74
N ASP A 402 26.00 1.71 5.03
CA ASP A 402 26.43 3.02 5.52
C ASP A 402 25.38 4.08 5.24
N GLU A 403 24.61 3.98 4.16
CA GLU A 403 23.57 4.97 3.90
C GLU A 403 22.42 4.82 4.87
N VAL A 404 22.08 3.58 5.23
CA VAL A 404 21.02 3.35 6.21
C VAL A 404 21.43 3.91 7.57
N ALA A 405 22.64 3.59 8.01
CA ALA A 405 23.12 4.08 9.29
C ALA A 405 23.18 5.60 9.31
N LYS A 406 23.67 6.21 8.22
CA LYS A 406 23.76 7.66 8.15
C LYS A 406 22.40 8.32 8.37
N LEU A 407 21.36 7.83 7.68
CA LEU A 407 20.07 8.49 7.75
C LEU A 407 19.38 8.27 9.09
N ILE A 408 19.56 7.11 9.71
CA ILE A 408 18.98 6.88 11.03
C ILE A 408 19.65 7.79 12.06
N LYS A 409 20.97 7.92 11.97
CA LYS A 409 21.74 8.83 12.81
C LYS A 409 21.21 10.26 12.72
N GLU A 410 21.08 10.75 11.49
CA GLU A 410 20.68 12.13 11.26
C GLU A 410 19.23 12.39 11.69
N VAL A 411 18.34 11.46 11.35
CA VAL A 411 16.92 11.70 11.56
C VAL A 411 16.50 11.39 13.00
N VAL A 412 17.08 10.36 13.60
CA VAL A 412 16.57 9.80 14.85
C VAL A 412 17.57 9.94 16.00
N VAL A 413 18.80 9.46 15.81
CA VAL A 413 19.75 9.40 16.91
C VAL A 413 20.28 10.78 17.26
N GLU A 414 20.93 11.44 16.30
CA GLU A 414 21.56 12.73 16.57
C GLU A 414 20.66 13.91 16.23
N LYS A 415 19.62 13.70 15.41
CA LYS A 415 18.56 14.68 15.19
C LYS A 415 19.10 15.97 14.57
N THR A 416 19.88 15.82 13.50
CA THR A 416 20.36 16.93 12.71
C THR A 416 19.52 17.17 11.46
N ARG A 417 18.37 16.50 11.35
CA ARG A 417 17.43 16.66 10.24
C ARG A 417 16.03 16.91 10.77
N GLU A 418 15.90 17.87 11.70
CA GLU A 418 14.62 18.12 12.33
C GLU A 418 13.57 18.65 11.36
N ASP A 419 13.99 19.16 10.20
CA ASP A 419 13.03 19.58 9.19
C ASP A 419 12.12 18.43 8.77
N VAL A 420 12.66 17.21 8.75
CA VAL A 420 11.88 16.05 8.35
C VAL A 420 10.82 15.72 9.41
N ARG A 421 11.17 15.74 10.68
CA ARG A 421 10.18 15.58 11.76
C ARG A 421 9.14 16.69 11.70
N LYS A 422 9.63 17.93 11.55
CA LYS A 422 8.72 19.06 11.55
C LYS A 422 7.68 18.94 10.43
N LYS A 423 8.12 18.60 9.21
CA LYS A 423 7.21 18.54 8.08
C LYS A 423 6.29 17.32 8.17
N ALA A 424 6.76 16.23 8.77
CA ALA A 424 5.90 15.08 8.99
C ALA A 424 4.80 15.40 10.00
N ARG A 425 5.14 16.15 11.05
CA ARG A 425 4.12 16.53 12.03
C ARG A 425 3.13 17.52 11.43
N GLU A 426 3.60 18.45 10.61
CA GLU A 426 2.68 19.36 9.92
C GLU A 426 1.75 18.60 8.99
N MET A 427 2.28 17.59 8.29
CA MET A 427 1.43 16.76 7.45
C MET A 427 0.42 15.99 8.28
N SER A 428 0.83 15.53 9.47
CA SER A 428 -0.14 14.78 10.26
C SER A 428 -1.25 15.69 10.78
N GLU A 429 -0.96 16.94 11.14
CA GLU A 429 -2.04 17.86 11.54
C GLU A 429 -2.99 18.13 10.38
N ILE A 430 -2.45 18.25 9.16
CA ILE A 430 -3.31 18.45 7.99
C ILE A 430 -4.24 17.25 7.81
N LEU A 431 -3.69 16.05 7.94
CA LEU A 431 -4.49 14.84 7.72
C LEU A 431 -5.50 14.64 8.83
N ARG A 432 -5.09 14.85 10.09
CA ARG A 432 -6.02 14.74 11.21
C ARG A 432 -7.19 15.71 11.09
N SER A 433 -7.02 16.82 10.36
CA SER A 433 -8.08 17.80 10.23
C SER A 433 -9.15 17.39 9.22
N LYS A 434 -8.92 16.34 8.46
CA LYS A 434 -9.88 16.00 7.41
C LYS A 434 -11.01 15.17 8.00
N GLY A 435 -12.20 15.35 7.49
CA GLY A 435 -13.31 14.51 7.91
C GLY A 435 -14.01 13.74 6.80
N GLU A 436 -15.33 13.71 6.84
CA GLU A 436 -16.11 12.92 5.86
C GLU A 436 -16.31 13.71 4.58
N GLU A 437 -15.98 14.98 4.59
CA GLU A 437 -16.01 15.81 3.36
C GLU A 437 -14.97 15.25 2.41
N LYS A 438 -14.01 14.49 2.94
CA LYS A 438 -13.05 13.78 2.09
C LYS A 438 -13.73 12.94 1.02
N PHE A 439 -14.96 12.49 1.26
CA PHE A 439 -15.65 11.57 0.38
C PHE A 439 -16.80 12.22 -0.37
N ASP A 440 -16.98 13.54 -0.26
CA ASP A 440 -18.08 14.21 -0.93
C ASP A 440 -17.95 14.10 -2.44
N GLU A 441 -16.74 14.34 -2.97
CA GLU A 441 -16.58 14.35 -4.43
C GLU A 441 -16.81 12.96 -5.02
N MET A 442 -16.29 11.91 -4.36
CA MET A 442 -16.57 10.55 -4.80
C MET A 442 -18.06 10.28 -4.85
N VAL A 443 -18.78 10.63 -3.77
CA VAL A 443 -20.18 10.29 -3.67
C VAL A 443 -21.00 11.02 -4.73
N ALA A 444 -20.64 12.27 -5.03
CA ALA A 444 -21.37 13.02 -6.04
C ALA A 444 -21.13 12.45 -7.43
N GLU A 445 -19.91 11.97 -7.70
CA GLU A 445 -19.62 11.41 -9.02
C GLU A 445 -20.31 10.06 -9.21
N ILE A 446 -20.36 9.24 -8.16
CA ILE A 446 -21.13 7.99 -8.22
C ILE A 446 -22.60 8.30 -8.50
N SER A 447 -23.15 9.27 -7.76
CA SER A 447 -24.54 9.67 -7.91
C SER A 447 -24.84 10.09 -9.34
N LEU A 448 -23.99 10.96 -9.88
CA LEU A 448 -24.18 11.45 -11.24
C LEU A 448 -24.08 10.32 -12.26
N LEU A 449 -23.06 9.46 -12.11
CA LEU A 449 -22.87 8.37 -13.05
C LEU A 449 -24.09 7.46 -13.10
N LEU A 450 -24.62 7.11 -11.94
CA LEU A 450 -25.76 6.21 -11.89
C LEU A 450 -27.01 6.87 -12.46
N LYS A 451 -27.16 8.18 -12.25
CA LYS A 451 -28.30 8.89 -12.81
C LYS A 451 -28.20 8.98 -14.33
N ILE A 452 -26.99 9.14 -14.85
CA ILE A 452 -26.81 9.19 -16.31
C ILE A 452 -27.02 7.82 -16.93
N GLU A 453 -26.43 6.78 -16.33
CA GLU A 453 -26.53 5.45 -16.91
C GLU A 453 -27.94 4.90 -16.84
N HIS A 454 -28.76 5.38 -15.89
CA HIS A 454 -30.15 4.96 -15.85
C HIS A 454 -30.93 5.48 -17.05
N HIS A 455 -30.58 6.67 -17.56
CA HIS A 455 -31.23 7.17 -18.77
C HIS A 455 -30.85 6.34 -19.98
N HIS A 456 -29.55 6.11 -20.18
CA HIS A 456 -29.11 5.34 -21.34
C HIS A 456 -29.49 3.88 -21.25
N HIS A 457 -29.94 3.41 -20.09
CA HIS A 457 -30.40 2.05 -19.89
C HIS A 457 -29.30 1.04 -20.23
N1 UDP B . 1.33 -4.32 8.21
C2 UDP B . 1.13 -4.57 9.56
N3 UDP B . 2.13 -5.27 10.19
C4 UDP B . 3.29 -5.75 9.60
C5 UDP B . 3.42 -5.45 8.21
C6 UDP B . 2.46 -4.77 7.55
O2 UDP B . 0.13 -4.19 10.16
O4 UDP B . 4.12 -6.37 10.29
C1' UDP B . 0.29 -3.58 7.48
C2' UDP B . 0.70 -2.07 7.35
O2' UDP B . 0.17 -1.31 8.44
C3' UDP B . 0.05 -1.67 6.07
C4' UDP B . -0.02 -2.95 5.25
O4' UDP B . 0.19 -4.08 6.16
O3' UDP B . -1.28 -1.19 6.32
C5' UDP B . 1.07 -2.94 4.22
O5' UDP B . 0.60 -2.19 3.13
PA UDP B . 1.69 -1.39 2.21
O1A UDP B . 0.93 -0.69 1.09
O2A UDP B . 2.43 -0.38 3.04
O3A UDP B . 2.73 -2.49 1.57
PB UDP B . 2.44 -3.95 0.88
O1B UDP B . 1.08 -3.92 0.22
O2B UDP B . 2.46 -5.03 1.93
O3B UDP B . 3.49 -4.22 -0.16
C20 M2Q C . 5.02 0.31 -14.02
C21 M2Q C . 4.38 1.71 -14.35
C22 M2Q C . 5.00 0.00 -12.93
C23 M2Q C . 4.03 0.06 -12.20
C24 M2Q C . 5.08 2.34 -15.52
C25 M2Q C . 3.47 2.30 -13.32
C26 M2Q C . 6.39 0.48 -14.47
C27 M2Q C . 2.99 1.17 -12.47
C28 M2Q C . 3.22 -1.27 -12.01
C29 M2Q C . 6.25 1.34 -15.81
C30 M2Q C . 5.90 -1.23 -12.61
C31 M2Q C . 4.44 -0.71 -15.03
C32 M2Q C . 5.34 2.63 -13.62
C33 M2Q C . 4.16 2.48 -16.66
C34 M2Q C . 4.10 -2.59 -11.92
C35 M2Q C . 4.60 0.42 -10.76
C36 M2Q C . 2.23 -1.20 -10.80
C37 M2Q C . 5.18 -2.59 -12.37
C38 M2Q C . 3.11 -3.78 -12.15
C39 M2Q C . 1.20 -2.52 -10.88
C40 M2Q C . 2.04 -3.91 -11.13
C41 M2Q C . 4.94 2.43 -18.04
C42 M2Q C . 3.39 3.81 -16.56
C43 M2Q C . 3.94 -5.12 -12.17
C44 M2Q C . 2.46 -3.59 -13.54
C45 M2Q C . 3.89 2.42 -19.22
C46 M2Q C . 4.52 1.78 -20.47
C47 M2Q C . 1.71 -5.07 -9.13
C48 M2Q C . 3.43 1.46 -21.48
C49 M2Q C . 2.27 -6.50 -8.89
C50 M2Q C . 1.55 -7.14 -7.77
C51 M2Q C . 2.69 2.72 -21.84
C52 M2Q C . 2.40 0.41 -20.85
C53 M2Q C . 1.86 -4.92 -6.61
C54 M2Q C . 1.86 -6.45 -6.49
C55 M2Q C . 6.51 0.46 -20.60
C56 M2Q C . 7.01 -0.92 -20.30
C57 M2Q C . 1.08 -4.37 -5.49
C58 M2Q C . 8.32 -1.20 -20.95
C59 M2Q C . 7.84 0.53 -22.66
C60 M2Q C . 8.32 -0.88 -22.40
C61 M2Q C . 7.74 0.75 -24.16
C62 M2Q C . 6.19 0.40 -26.00
C63 M2Q C . 4.74 0.08 -26.29
C64 M2Q C . 4.11 1.08 -27.17
C65 M2Q C . 5.73 2.78 -26.40
C66 M2Q C . 4.27 2.44 -26.66
C67 M2Q C . 6.15 3.93 -27.27
O01 M2Q C . 2.52 1.79 -11.15
O02 M2Q C . 2.65 -4.32 -9.81
O03 M2Q C . 5.20 0.56 -20.11
O04 M2Q C . 1.30 -4.38 -7.89
O05 M2Q C . 3.97 0.92 -22.59
O06 M2Q C . 2.10 -7.27 -10.07
O07 M2Q C . 1.97 -8.55 -7.68
O08 M2Q C . 6.52 0.77 -22.05
O09 M2Q C . 0.91 -6.86 -5.53
O10 M2Q C . 7.18 -1.06 -18.84
O11 M2Q C . 1.43 -3.01 -5.28
O12 M2Q C . 8.63 -2.61 -20.80
O13 M2Q C . 9.67 -1.01 -22.92
O14 M2Q C . 6.36 0.57 -24.58
O15 M2Q C . 6.62 1.63 -26.67
O16 M2Q C . 4.66 -1.22 -26.92
O17 M2Q C . 2.67 0.78 -27.26
O18 M2Q C . 3.74 3.37 -27.63
O19 M2Q C . 7.31 3.55 -28.04
C20 M2Q D . -3.49 3.01 -22.83
C21 M2Q D . -2.70 1.72 -23.28
C22 M2Q D . -2.85 3.94 -22.73
C23 M2Q D . -2.19 4.40 -23.65
C24 M2Q D . -3.57 0.54 -22.91
C25 M2Q D . -2.22 2.03 -24.66
C26 M2Q D . -3.86 2.55 -21.54
C27 M2Q D . -1.77 3.46 -24.79
C28 M2Q D . -2.79 5.67 -24.35
C29 M2Q D . -4.61 1.23 -21.98
C30 M2Q D . -3.45 5.00 -21.77
C31 M2Q D . -4.92 3.13 -23.43
C32 M2Q D . -1.52 1.38 -22.40
C33 M2Q D . -4.19 -0.31 -23.96
C34 M2Q D . -3.54 6.69 -23.39
C35 M2Q D . -0.81 4.93 -23.04
C36 M2Q D . -1.70 6.40 -25.19
C37 M2Q D . -3.98 6.34 -22.39
C38 M2Q D . -4.29 7.71 -24.30
C39 M2Q D . -2.53 7.48 -26.19
C40 M2Q D . -3.43 8.47 -25.24
C41 M2Q D . -5.23 -1.24 -23.24
C42 M2Q D . -3.20 -1.28 -24.62
C43 M2Q D . -5.35 6.92 -25.14
C44 M2Q D . -5.07 8.65 -23.36
C45 M2Q D . -4.81 -2.75 -23.24
C46 M2Q D . -6.06 -3.66 -23.18
C47 M2Q D . -2.49 10.64 -25.01
C48 M2Q D . -5.77 -5.01 -22.53
C49 M2Q D . -1.94 11.59 -23.94
C50 M2Q D . -1.15 12.71 -24.48
C51 M2Q D . -5.14 -5.98 -23.48
C52 M2Q D . -4.77 -4.78 -21.33
C53 M2Q D . -0.31 10.99 -26.11
C54 M2Q D . -0.01 12.26 -25.31
C55 M2Q D . -7.96 -3.67 -24.58
C56 M2Q D . -8.31 -3.29 -25.98
C57 M2Q D . 0.29 11.08 -27.44
C58 M2Q D . -9.78 -3.19 -26.13
C59 M2Q D . -10.04 -4.98 -24.43
C60 M2Q D . -10.40 -4.51 -25.81
C61 M2Q D . -10.43 -6.43 -24.27
C62 M2Q D . -9.88 -8.14 -22.66
C63 M2Q D . -9.29 -8.31 -21.28
C64 M2Q D . -9.43 -9.69 -20.77
C65 M2Q D . -11.72 -9.42 -21.72
C66 M2Q D . -10.82 -10.15 -20.76
C67 M2Q D . -12.87 -10.32 -22.09
O01 M2Q D . -0.24 3.48 -24.94
O02 M2Q D . -2.44 9.36 -24.51
O03 M2Q D . -6.59 -3.86 -24.49
O04 M2Q D . -1.76 10.74 -26.28
O05 M2Q D . -6.88 -5.54 -22.01
O06 M2Q D . -3.06 12.13 -23.26
O07 M2Q D . -0.63 13.47 -23.33
O08 M2Q D . -8.60 -4.94 -24.19
O09 M2Q D . 0.34 13.29 -26.22
O10 M2Q D . -7.68 -1.99 -26.29
O11 M2Q D . -0.36 10.17 -28.30
O12 M2Q D . -10.06 -2.84 -27.51
O13 M2Q D . -11.83 -4.38 -25.90
O14 M2Q D . -10.31 -6.80 -22.86
O15 M2Q D . -11.02 -9.01 -22.93
O16 M2Q D . -7.88 -8.06 -21.37
O17 M2Q D . -8.95 -9.74 -19.39
O18 M2Q D . -10.82 -11.52 -21.16
O19 M2Q D . -13.52 -9.86 -23.27
#